data_4U8Z
#
_entry.id   4U8Z
#
_cell.length_a   99.110
_cell.length_b   59.020
_cell.length_c   61.810
_cell.angle_alpha   90.00
_cell.angle_beta   93.76
_cell.angle_gamma   90.00
#
_symmetry.space_group_name_H-M   'C 1 2 1'
#
loop_
_entity.id
_entity.type
_entity.pdbx_description
1 polymer 'Serine/threonine-protein kinase 24'
2 non-polymer 'MANGANESE (II) ION'
3 non-polymer 3-[4-(morpholin-4-yl)-7H-pyrrolo[2,3-d]pyrimidin-5-yl]benzonitrile
4 water water
#
_entity_poly.entity_id   1
_entity_poly.type   'polypeptide(L)'
_entity_poly.pdbx_seq_one_letter_code
;GLPGMQNLKADPEELFTKLEKIGKGSFGEVFKGIDNRTQKVVAIKIIDLEEAEDEIEDIQQEITVLSQCDSPYVTKYYGS
YLKDTKLWIIMEYLGGGSALDLLEPGPLDETQIATILREILKGLDYLHSEKKIHRDIKAANVLLSEHGEVKLADFGVAGQ
LTDTQIKRN(TPO)FVGTPFWMAPEVIKQSAYDSKADIWSLGITAIELARGEPPHSELHPMKVLFLIPKNNPPTLEGNYS
KPLKEFVEACLNKEPSFRPTAKELLKHKFILRNAKKTSYLTELIDRYKRWKAEQ
;
_entity_poly.pdbx_strand_id   A
#
loop_
_chem_comp.id
_chem_comp.type
_chem_comp.name
_chem_comp.formula
3FE non-polymer 3-[4-(morpholin-4-yl)-7H-pyrrolo[2,3-d]pyrimidin-5-yl]benzonitrile 'C17 H15 N5 O'
MN non-polymer 'MANGANESE (II) ION' 'Mn 2'
#
# COMPACT_ATOMS: atom_id res chain seq x y z
N GLY A 1 16.08 4.45 -19.42
CA GLY A 1 15.54 5.78 -19.17
C GLY A 1 14.62 5.85 -17.96
N LEU A 2 15.16 6.31 -16.82
CA LEU A 2 14.44 6.42 -15.55
C LEU A 2 13.56 7.69 -15.52
N PRO A 3 12.20 7.57 -15.47
CA PRO A 3 11.35 8.77 -15.46
C PRO A 3 11.55 9.67 -14.23
N GLY A 4 11.46 10.97 -14.44
CA GLY A 4 11.66 11.97 -13.39
C GLY A 4 13.10 12.14 -12.92
N MET A 5 14.06 11.39 -13.49
CA MET A 5 15.47 11.50 -13.11
C MET A 5 15.99 12.89 -13.48
N GLN A 6 16.58 13.58 -12.48
CA GLN A 6 17.10 14.93 -12.65
C GLN A 6 18.55 14.94 -13.09
N ASN A 7 19.07 16.16 -13.32
CA ASN A 7 20.45 16.43 -13.72
C ASN A 7 21.42 15.92 -12.66
N LEU A 8 22.55 15.31 -13.09
CA LEU A 8 23.56 14.79 -12.15
C LEU A 8 24.34 15.91 -11.46
N LYS A 9 24.29 17.14 -12.02
CA LYS A 9 24.92 18.32 -11.41
C LYS A 9 24.10 18.74 -10.18
N ALA A 10 22.78 18.39 -10.15
CA ALA A 10 21.89 18.65 -9.02
C ALA A 10 22.34 17.71 -7.89
N ASP A 11 22.75 18.30 -6.77
CA ASP A 11 23.21 17.55 -5.61
C ASP A 11 22.03 17.43 -4.66
N PRO A 12 21.43 16.21 -4.51
CA PRO A 12 20.27 16.07 -3.61
C PRO A 12 20.63 16.37 -2.15
N GLU A 13 21.93 16.25 -1.76
CA GLU A 13 22.41 16.56 -0.41
C GLU A 13 22.38 18.08 -0.15
N GLU A 14 22.30 18.87 -1.23
CA GLU A 14 22.19 20.32 -1.22
C GLU A 14 20.71 20.73 -1.29
N LEU A 15 19.93 20.06 -2.20
CA LEU A 15 18.50 20.34 -2.41
C LEU A 15 17.61 19.84 -1.27
N PHE A 16 18.05 18.80 -0.54
CA PHE A 16 17.27 18.26 0.55
C PHE A 16 18.11 18.11 1.79
N THR A 17 17.50 18.36 2.96
CA THR A 17 18.09 18.11 4.26
C THR A 17 17.53 16.72 4.65
N LYS A 18 18.35 15.69 4.62
CA LYS A 18 17.92 14.36 4.99
C LYS A 18 17.86 14.25 6.49
N LEU A 19 16.73 13.83 7.02
CA LEU A 19 16.52 13.75 8.42
C LEU A 19 16.43 12.27 8.82
N GLU A 20 15.65 11.94 9.83
CA GLU A 20 15.67 10.60 10.36
C GLU A 20 15.10 9.50 9.45
N LYS A 21 15.54 8.25 9.67
CA LYS A 21 15.00 7.11 8.94
C LYS A 21 13.60 6.90 9.50
N ILE A 22 12.62 6.77 8.60
CA ILE A 22 11.21 6.57 8.98
C ILE A 22 10.76 5.14 8.69
N GLY A 23 11.54 4.42 7.91
CA GLY A 23 11.22 3.04 7.60
C GLY A 23 11.97 2.49 6.40
N LYS A 24 11.40 1.44 5.80
CA LYS A 24 12.03 0.82 4.66
C LYS A 24 11.02 0.61 3.56
N GLY A 25 11.53 0.53 2.36
CA GLY A 25 10.74 0.25 1.19
C GLY A 25 11.44 -0.87 0.45
N SER A 26 10.92 -1.24 -0.72
CA SER A 26 11.64 -2.23 -1.50
C SER A 26 12.96 -1.60 -1.96
N PHE A 27 14.04 -2.38 -1.96
CA PHE A 27 15.39 -1.98 -2.42
C PHE A 27 16.16 -0.96 -1.54
N GLY A 28 15.48 -0.26 -0.63
CA GLY A 28 16.16 0.70 0.22
C GLY A 28 15.39 1.28 1.38
N GLU A 29 16.10 2.06 2.21
CA GLU A 29 15.56 2.73 3.39
C GLU A 29 14.85 4.02 3.01
N VAL A 30 13.85 4.41 3.80
CA VAL A 30 13.09 5.65 3.58
C VAL A 30 13.38 6.62 4.71
N PHE A 31 13.64 7.88 4.35
CA PHE A 31 13.96 8.90 5.33
C PHE A 31 13.02 10.06 5.22
N LYS A 32 12.81 10.76 6.32
CA LYS A 32 12.08 12.02 6.32
C LYS A 32 13.11 13.05 5.82
N GLY A 33 12.66 13.98 4.99
CA GLY A 33 13.54 15.02 4.51
C GLY A 33 12.84 16.35 4.36
N ILE A 34 13.62 17.42 4.20
CA ILE A 34 13.06 18.75 3.95
C ILE A 34 13.54 19.17 2.57
N ASP A 35 12.62 19.65 1.72
CA ASP A 35 12.94 20.23 0.41
C ASP A 35 13.47 21.62 0.78
N ASN A 36 14.77 21.87 0.57
CA ASN A 36 15.38 23.17 0.94
C ASN A 36 14.81 24.44 0.28
N ARG A 37 14.24 24.32 -0.92
CA ARG A 37 13.66 25.46 -1.65
C ARG A 37 12.24 25.83 -1.17
N THR A 38 11.39 24.84 -0.89
CA THR A 38 10.00 25.11 -0.52
C THR A 38 9.74 24.98 0.97
N GLN A 39 10.64 24.25 1.67
CA GLN A 39 10.62 23.91 3.08
C GLN A 39 9.54 22.83 3.34
N LYS A 40 8.96 22.25 2.28
CA LYS A 40 8.00 21.16 2.48
C LYS A 40 8.74 19.90 2.90
N VAL A 41 8.09 19.05 3.70
CA VAL A 41 8.65 17.78 4.17
C VAL A 41 8.36 16.77 3.04
N VAL A 42 9.36 15.92 2.73
CA VAL A 42 9.27 14.88 1.70
C VAL A 42 9.73 13.54 2.28
N ALA A 43 9.43 12.42 1.61
CA ALA A 43 9.92 11.12 2.01
C ALA A 43 10.94 10.76 0.94
N ILE A 44 12.12 10.34 1.38
CA ILE A 44 13.19 10.04 0.46
C ILE A 44 13.60 8.59 0.59
N LYS A 45 13.50 7.84 -0.50
CA LYS A 45 14.01 6.48 -0.47
C LYS A 45 15.40 6.49 -1.12
N ILE A 46 16.40 5.92 -0.42
CA ILE A 46 17.78 5.84 -0.91
C ILE A 46 18.15 4.39 -1.24
N ILE A 47 18.61 4.17 -2.47
CA ILE A 47 19.03 2.84 -2.95
C ILE A 47 20.50 2.88 -3.32
N ASP A 48 21.31 1.98 -2.75
CA ASP A 48 22.72 1.86 -3.11
C ASP A 48 22.73 0.93 -4.33
N LEU A 49 22.97 1.49 -5.53
CA LEU A 49 22.94 0.75 -6.80
C LEU A 49 24.12 -0.22 -6.95
N GLU A 50 25.24 0.06 -6.27
CA GLU A 50 26.45 -0.76 -6.25
C GLU A 50 26.18 -2.03 -5.44
N GLU A 51 25.27 -1.92 -4.43
CA GLU A 51 24.83 -3.00 -3.55
C GLU A 51 23.67 -3.79 -4.22
N ALA A 52 23.45 -3.57 -5.54
CA ALA A 52 22.39 -4.22 -6.30
C ALA A 52 22.81 -4.71 -7.71
N GLU A 53 22.14 -5.76 -8.17
CA GLU A 53 22.29 -6.43 -9.47
C GLU A 53 20.99 -7.22 -9.69
N ASP A 54 20.40 -7.09 -10.90
CA ASP A 54 19.12 -7.71 -11.30
C ASP A 54 17.90 -7.15 -10.53
N GLU A 55 18.10 -6.00 -9.86
CA GLU A 55 17.07 -5.30 -9.11
C GLU A 55 16.78 -3.94 -9.73
N ILE A 56 17.76 -3.40 -10.51
CA ILE A 56 17.63 -2.11 -11.18
C ILE A 56 16.41 -2.09 -12.11
N GLU A 57 16.13 -3.25 -12.75
CA GLU A 57 14.94 -3.41 -13.61
C GLU A 57 13.66 -3.18 -12.77
N ASP A 58 13.60 -3.78 -11.56
CA ASP A 58 12.46 -3.63 -10.63
C ASP A 58 12.42 -2.19 -10.05
N ILE A 59 13.61 -1.56 -9.90
CA ILE A 59 13.76 -0.18 -9.42
C ILE A 59 13.18 0.77 -10.47
N GLN A 60 13.56 0.57 -11.75
CA GLN A 60 13.07 1.39 -12.86
C GLN A 60 11.55 1.32 -12.98
N GLN A 61 10.98 0.11 -12.85
CA GLN A 61 9.54 -0.11 -12.96
C GLN A 61 8.79 0.62 -11.84
N GLU A 62 9.29 0.57 -10.57
CA GLU A 62 8.65 1.27 -9.43
C GLU A 62 8.52 2.75 -9.73
N ILE A 63 9.63 3.37 -10.18
CA ILE A 63 9.70 4.77 -10.54
C ILE A 63 8.76 5.08 -11.69
N THR A 64 8.77 4.24 -12.77
CA THR A 64 7.87 4.41 -13.93
C THR A 64 6.39 4.40 -13.50
N VAL A 65 5.99 3.39 -12.72
CA VAL A 65 4.62 3.25 -12.21
C VAL A 65 4.23 4.47 -11.36
N LEU A 66 5.10 4.90 -10.42
CA LEU A 66 4.87 6.07 -9.56
C LEU A 66 4.70 7.34 -10.38
N SER A 67 5.59 7.54 -11.38
CA SER A 67 5.58 8.73 -12.27
C SER A 67 4.31 8.84 -13.13
N GLN A 68 3.68 7.69 -13.48
CA GLN A 68 2.46 7.66 -14.30
C GLN A 68 1.17 7.84 -13.48
N CYS A 69 1.29 7.78 -12.14
CA CYS A 69 0.14 7.96 -11.27
C CYS A 69 -0.10 9.41 -10.96
N ASP A 70 -1.35 9.85 -11.12
CA ASP A 70 -1.76 11.21 -10.79
C ASP A 70 -3.12 11.14 -10.14
N SER A 71 -3.11 10.92 -8.81
CA SER A 71 -4.32 10.73 -8.02
C SER A 71 -4.16 11.19 -6.58
N PRO A 72 -5.23 11.74 -5.96
CA PRO A 72 -5.17 12.08 -4.53
C PRO A 72 -5.02 10.83 -3.64
N TYR A 73 -5.18 9.63 -4.24
CA TYR A 73 -5.09 8.37 -3.46
C TYR A 73 -3.80 7.60 -3.60
N VAL A 74 -2.79 8.18 -4.28
CA VAL A 74 -1.52 7.51 -4.49
C VAL A 74 -0.43 8.49 -4.15
N THR A 75 0.60 8.05 -3.39
CA THR A 75 1.75 8.91 -3.02
C THR A 75 2.37 9.53 -4.27
N LYS A 76 2.54 10.86 -4.26
CA LYS A 76 3.12 11.60 -5.37
C LYS A 76 4.62 11.31 -5.47
N TYR A 77 5.12 11.37 -6.69
CA TYR A 77 6.53 11.17 -7.01
C TYR A 77 7.08 12.52 -7.50
N TYR A 78 8.20 12.98 -6.93
CA TYR A 78 8.79 14.28 -7.26
C TYR A 78 10.11 14.24 -8.02
N GLY A 79 10.52 13.07 -8.48
CA GLY A 79 11.77 12.92 -9.21
C GLY A 79 12.81 12.08 -8.51
N SER A 80 13.85 11.70 -9.26
CA SER A 80 14.97 10.89 -8.79
C SER A 80 16.29 11.62 -9.02
N TYR A 81 17.26 11.40 -8.13
CA TYR A 81 18.57 12.04 -8.19
C TYR A 81 19.63 10.99 -7.93
N LEU A 82 20.72 11.05 -8.69
CA LEU A 82 21.81 10.12 -8.48
C LEU A 82 22.94 10.84 -7.76
N LYS A 83 23.35 10.31 -6.59
CA LYS A 83 24.44 10.84 -5.78
C LYS A 83 25.45 9.71 -5.63
N ASP A 84 26.53 9.75 -6.44
CA ASP A 84 27.57 8.72 -6.49
C ASP A 84 26.93 7.35 -6.87
N THR A 85 26.91 6.35 -5.96
CA THR A 85 26.30 5.05 -6.21
C THR A 85 24.83 4.97 -5.70
N LYS A 86 24.36 6.07 -5.08
CA LYS A 86 23.05 6.14 -4.43
C LYS A 86 21.99 6.91 -5.17
N LEU A 87 20.85 6.27 -5.39
CA LEU A 87 19.69 6.84 -6.07
C LEU A 87 18.72 7.36 -5.00
N TRP A 88 18.34 8.65 -5.07
CA TRP A 88 17.43 9.31 -4.13
C TRP A 88 16.07 9.40 -4.83
N ILE A 89 15.03 8.71 -4.30
CA ILE A 89 13.69 8.75 -4.87
C ILE A 89 12.85 9.65 -3.97
N ILE A 90 12.40 10.78 -4.50
CA ILE A 90 11.66 11.75 -3.70
C ILE A 90 10.19 11.51 -3.86
N MET A 91 9.52 11.34 -2.72
CA MET A 91 8.10 11.05 -2.68
C MET A 91 7.37 11.93 -1.69
N GLU A 92 6.04 11.95 -1.83
CA GLU A 92 5.13 12.66 -0.93
C GLU A 92 5.27 12.13 0.49
N TYR A 93 5.38 13.03 1.45
CA TYR A 93 5.47 12.67 2.87
C TYR A 93 4.05 12.70 3.42
N LEU A 94 3.68 11.66 4.20
CA LEU A 94 2.36 11.59 4.87
C LEU A 94 2.59 11.43 6.38
N GLY A 95 2.27 12.47 7.15
CA GLY A 95 2.61 12.52 8.57
C GLY A 95 1.66 11.90 9.58
N GLY A 96 0.60 11.27 9.13
CA GLY A 96 -0.41 10.71 10.02
C GLY A 96 -0.13 9.32 10.53
N GLY A 97 0.83 8.64 9.92
CA GLY A 97 1.17 7.26 10.27
C GLY A 97 0.50 6.31 9.29
N SER A 98 0.92 5.03 9.31
CA SER A 98 0.28 4.04 8.44
C SER A 98 -0.92 3.53 9.18
N ALA A 99 -1.90 2.92 8.47
CA ALA A 99 -3.09 2.37 9.11
C ALA A 99 -2.66 1.33 10.17
N LEU A 100 -1.55 0.63 9.94
CA LEU A 100 -1.00 -0.36 10.87
C LEU A 100 -0.58 0.29 12.18
N ASP A 101 0.14 1.43 12.12
CA ASP A 101 0.57 2.18 13.31
C ASP A 101 -0.62 2.60 14.11
N LEU A 102 -1.67 3.08 13.43
CA LEU A 102 -2.87 3.59 14.06
C LEU A 102 -3.62 2.54 14.86
N LEU A 103 -3.32 1.24 14.61
CA LEU A 103 -3.86 0.05 15.28
C LEU A 103 -3.13 -0.20 16.62
N GLU A 104 -1.89 0.29 16.77
CA GLU A 104 -1.08 0.08 18.00
C GLU A 104 -1.77 0.47 19.32
N PRO A 105 -2.41 1.66 19.46
CA PRO A 105 -3.07 1.99 20.74
C PRO A 105 -4.29 1.16 21.10
N GLY A 106 -4.88 0.48 20.11
CA GLY A 106 -6.06 -0.32 20.36
C GLY A 106 -6.85 -0.54 19.10
N PRO A 107 -7.95 -1.31 19.20
CA PRO A 107 -8.73 -1.61 17.98
C PRO A 107 -9.38 -0.41 17.34
N LEU A 108 -9.69 -0.54 16.05
CA LEU A 108 -10.42 0.47 15.29
C LEU A 108 -11.92 0.21 15.48
N ASP A 109 -12.78 1.22 15.27
CA ASP A 109 -14.22 0.92 15.30
C ASP A 109 -14.65 0.71 13.83
N GLU A 110 -15.88 0.23 13.60
CA GLU A 110 -16.30 -0.03 12.23
C GLU A 110 -16.38 1.20 11.33
N THR A 111 -16.66 2.41 11.91
CA THR A 111 -16.65 3.65 11.12
C THR A 111 -15.22 3.91 10.56
N GLN A 112 -14.22 3.76 11.41
CA GLN A 112 -12.82 3.94 11.02
C GLN A 112 -12.42 2.92 9.97
N ILE A 113 -12.77 1.65 10.18
CA ILE A 113 -12.44 0.58 9.22
C ILE A 113 -13.10 0.90 7.85
N ALA A 114 -14.39 1.25 7.85
CA ALA A 114 -15.12 1.52 6.61
C ALA A 114 -14.51 2.73 5.90
N THR A 115 -14.15 3.77 6.69
CA THR A 115 -13.59 4.99 6.10
C THR A 115 -12.26 4.66 5.41
N ILE A 116 -11.35 3.97 6.12
CA ILE A 116 -10.07 3.56 5.56
C ILE A 116 -10.23 2.68 4.33
N LEU A 117 -11.11 1.65 4.42
CA LEU A 117 -11.33 0.77 3.27
C LEU A 117 -11.89 1.50 2.06
N ARG A 118 -12.77 2.47 2.30
CA ARG A 118 -13.38 3.26 1.23
C ARG A 118 -12.27 4.04 0.48
N GLU A 119 -11.35 4.64 1.22
CA GLU A 119 -10.28 5.41 0.57
C GLU A 119 -9.30 4.49 -0.16
N ILE A 120 -9.01 3.30 0.41
CA ILE A 120 -8.16 2.32 -0.28
C ILE A 120 -8.83 1.98 -1.62
N LEU A 121 -10.17 1.70 -1.59
CA LEU A 121 -10.96 1.36 -2.79
C LEU A 121 -10.88 2.45 -3.85
N LYS A 122 -10.90 3.73 -3.44
CA LYS A 122 -10.74 4.89 -4.34
C LYS A 122 -9.38 4.80 -5.05
N GLY A 123 -8.32 4.48 -4.31
CA GLY A 123 -6.97 4.27 -4.85
C GLY A 123 -6.93 3.09 -5.80
N LEU A 124 -7.56 1.96 -5.40
CA LEU A 124 -7.59 0.77 -6.24
C LEU A 124 -8.37 0.96 -7.51
N ASP A 125 -9.53 1.66 -7.43
CA ASP A 125 -10.34 1.98 -8.60
C ASP A 125 -9.49 2.85 -9.58
N TYR A 126 -8.72 3.81 -9.05
CA TYR A 126 -7.86 4.63 -9.91
C TYR A 126 -6.83 3.75 -10.64
N LEU A 127 -6.08 2.96 -9.86
CA LEU A 127 -5.00 2.12 -10.41
C LEU A 127 -5.53 1.17 -11.46
N HIS A 128 -6.64 0.47 -11.15
CA HIS A 128 -7.23 -0.53 -12.02
C HIS A 128 -7.77 0.05 -13.30
N SER A 129 -8.30 1.28 -13.25
CA SER A 129 -8.77 2.03 -14.43
C SER A 129 -7.58 2.40 -15.35
N GLU A 130 -6.37 2.55 -14.75
CA GLU A 130 -5.13 2.85 -15.45
C GLU A 130 -4.40 1.57 -15.87
N LYS A 131 -5.05 0.39 -15.67
CA LYS A 131 -4.51 -0.93 -16.00
C LYS A 131 -3.28 -1.29 -15.18
N LYS A 132 -3.20 -0.73 -13.98
CA LYS A 132 -2.14 -1.00 -13.03
C LYS A 132 -2.65 -1.90 -11.90
N ILE A 133 -1.75 -2.72 -11.35
CA ILE A 133 -2.05 -3.62 -10.25
C ILE A 133 -1.02 -3.29 -9.19
N HIS A 134 -1.47 -2.92 -7.97
CA HIS A 134 -0.57 -2.55 -6.86
C HIS A 134 0.27 -3.76 -6.40
N ARG A 135 -0.40 -4.93 -6.13
CA ARG A 135 0.26 -6.19 -5.74
C ARG A 135 0.85 -6.30 -4.32
N ASP A 136 0.85 -5.19 -3.52
CA ASP A 136 1.33 -5.25 -2.14
C ASP A 136 0.41 -4.49 -1.18
N ILE A 137 -0.91 -4.74 -1.33
CA ILE A 137 -1.90 -4.12 -0.46
C ILE A 137 -1.88 -4.75 0.92
N LYS A 138 -1.64 -3.91 1.95
CA LYS A 138 -1.60 -4.27 3.37
C LYS A 138 -1.68 -2.97 4.18
N ALA A 139 -2.07 -3.05 5.48
CA ALA A 139 -2.24 -1.84 6.32
C ALA A 139 -0.97 -1.00 6.44
N ALA A 140 0.22 -1.64 6.38
CA ALA A 140 1.51 -0.92 6.47
C ALA A 140 1.74 -0.03 5.24
N ASN A 141 1.11 -0.36 4.09
CA ASN A 141 1.24 0.43 2.86
C ASN A 141 0.09 1.41 2.63
N VAL A 142 -0.74 1.59 3.66
CA VAL A 142 -1.87 2.51 3.63
C VAL A 142 -1.46 3.61 4.58
N LEU A 143 -1.13 4.78 4.01
CA LEU A 143 -0.63 5.94 4.76
C LEU A 143 -1.64 7.05 4.86
N LEU A 144 -1.57 7.77 5.97
CA LEU A 144 -2.47 8.88 6.22
C LEU A 144 -1.71 10.18 6.31
N SER A 145 -2.29 11.25 5.78
CA SER A 145 -1.71 12.59 5.96
C SER A 145 -2.10 13.02 7.40
N GLU A 146 -1.53 14.15 7.88
CA GLU A 146 -1.87 14.68 9.20
C GLU A 146 -3.34 15.15 9.24
N HIS A 147 -3.99 15.34 8.06
CA HIS A 147 -5.39 15.75 7.97
C HIS A 147 -6.39 14.57 7.85
N GLY A 148 -5.88 13.35 7.80
CA GLY A 148 -6.74 12.16 7.67
C GLY A 148 -6.93 11.61 6.28
N GLU A 149 -6.29 12.21 5.27
CA GLU A 149 -6.33 11.75 3.89
C GLU A 149 -5.62 10.39 3.82
N VAL A 150 -6.15 9.47 3.04
CA VAL A 150 -5.62 8.10 2.98
C VAL A 150 -5.08 7.81 1.58
N LYS A 151 -3.83 7.36 1.52
CA LYS A 151 -3.20 7.08 0.22
C LYS A 151 -2.45 5.77 0.21
N LEU A 152 -2.27 5.23 -0.98
CA LEU A 152 -1.50 4.01 -1.23
C LEU A 152 -0.04 4.34 -1.46
N ALA A 153 0.82 3.57 -0.80
CA ALA A 153 2.28 3.69 -0.86
C ALA A 153 2.92 2.33 -1.19
N ASP A 154 4.25 2.30 -1.40
CA ASP A 154 5.03 1.09 -1.67
C ASP A 154 4.66 0.46 -3.02
N PHE A 155 5.13 1.07 -4.12
CA PHE A 155 4.87 0.61 -5.48
C PHE A 155 6.01 -0.29 -5.98
N GLY A 156 6.70 -0.91 -5.03
CA GLY A 156 7.87 -1.75 -5.23
C GLY A 156 7.66 -2.96 -6.10
N VAL A 157 6.42 -3.49 -6.11
CA VAL A 157 6.06 -4.67 -6.91
C VAL A 157 4.87 -4.43 -7.87
N ALA A 158 4.44 -3.16 -8.07
CA ALA A 158 3.32 -2.80 -8.95
C ALA A 158 3.53 -3.25 -10.40
N GLY A 159 2.45 -3.73 -11.04
CA GLY A 159 2.48 -4.25 -12.39
C GLY A 159 1.64 -3.44 -13.34
N GLN A 160 1.95 -3.52 -14.63
CA GLN A 160 1.23 -2.81 -15.70
C GLN A 160 0.66 -3.78 -16.71
N LEU A 161 -0.64 -3.63 -16.98
CA LEU A 161 -1.35 -4.44 -17.97
C LEU A 161 -1.46 -3.65 -19.24
N THR A 162 -1.35 -4.35 -20.38
CA THR A 162 -1.45 -3.72 -21.70
C THR A 162 -2.53 -4.44 -22.51
N ASP A 163 -2.84 -3.92 -23.73
CA ASP A 163 -3.80 -4.51 -24.67
C ASP A 163 -3.30 -5.89 -25.14
N THR A 164 -1.96 -6.08 -25.13
CA THR A 164 -1.25 -7.30 -25.52
C THR A 164 -1.02 -8.26 -24.33
N GLN A 165 -0.67 -7.70 -23.14
CA GLN A 165 -0.45 -8.46 -21.91
C GLN A 165 -1.59 -8.11 -20.94
N ILE A 166 -2.73 -8.83 -21.09
CA ILE A 166 -3.96 -8.64 -20.31
C ILE A 166 -3.89 -9.25 -18.91
N LYS A 167 -2.90 -10.14 -18.67
CA LYS A 167 -2.69 -10.81 -17.39
C LYS A 167 -1.21 -10.85 -16.98
N ARG A 168 -0.93 -10.99 -15.66
CA ARG A 168 0.44 -11.12 -15.13
C ARG A 168 0.58 -12.49 -14.46
N ASN A 169 1.80 -13.00 -14.31
CA ASN A 169 2.00 -14.31 -13.67
C ASN A 169 3.11 -14.28 -12.62
N TPO A 170 3.76 -13.11 -12.43
CA TPO A 170 4.86 -12.97 -11.49
CB TPO A 170 5.60 -11.60 -11.75
CG2 TPO A 170 6.85 -11.49 -10.89
OG1 TPO A 170 5.99 -11.46 -13.11
P TPO A 170 5.61 -10.13 -13.77
O1P TPO A 170 5.76 -10.25 -15.30
O2P TPO A 170 4.11 -9.73 -13.57
O3P TPO A 170 6.45 -9.04 -13.15
C TPO A 170 4.51 -13.18 -10.03
O TPO A 170 3.47 -12.67 -9.54
N PHE A 171 5.38 -13.91 -9.30
CA PHE A 171 5.26 -14.16 -7.86
C PHE A 171 5.81 -12.92 -7.12
N VAL A 172 4.90 -12.03 -6.68
CA VAL A 172 5.26 -10.80 -5.96
C VAL A 172 4.20 -10.50 -4.88
N GLY A 173 4.62 -9.83 -3.80
CA GLY A 173 3.75 -9.43 -2.70
C GLY A 173 4.28 -9.86 -1.35
N THR A 174 3.44 -9.74 -0.31
CA THR A 174 3.76 -10.12 1.06
C THR A 174 2.92 -11.37 1.39
N PRO A 175 3.58 -12.53 1.67
CA PRO A 175 2.85 -13.80 1.83
C PRO A 175 1.43 -13.81 2.40
N PHE A 176 1.23 -13.30 3.61
CA PHE A 176 -0.10 -13.29 4.28
C PHE A 176 -1.23 -12.62 3.49
N TRP A 177 -0.90 -11.63 2.67
CA TRP A 177 -1.86 -10.84 1.89
C TRP A 177 -1.99 -11.29 0.41
N MET A 178 -1.12 -12.26 -0.04
CA MET A 178 -1.13 -12.67 -1.42
C MET A 178 -2.32 -13.52 -1.83
N ALA A 179 -2.88 -13.24 -3.03
CA ALA A 179 -4.01 -13.97 -3.61
C ALA A 179 -3.60 -15.40 -4.04
N PRO A 180 -4.51 -16.40 -3.93
CA PRO A 180 -4.11 -17.78 -4.31
C PRO A 180 -3.57 -17.92 -5.72
N GLU A 181 -4.14 -17.19 -6.71
CA GLU A 181 -3.69 -17.25 -8.12
C GLU A 181 -2.29 -16.63 -8.31
N VAL A 182 -1.90 -15.65 -7.45
CA VAL A 182 -0.56 -15.03 -7.48
C VAL A 182 0.47 -16.03 -6.95
N ILE A 183 0.22 -16.61 -5.77
CA ILE A 183 1.09 -17.62 -5.12
C ILE A 183 1.34 -18.83 -6.08
N LYS A 184 0.29 -19.30 -6.78
CA LYS A 184 0.44 -20.42 -7.72
C LYS A 184 0.93 -19.99 -9.10
N GLN A 185 1.16 -18.67 -9.27
CA GLN A 185 1.67 -18.08 -10.51
C GLN A 185 0.78 -18.37 -11.73
N SER A 186 -0.57 -18.35 -11.52
CA SER A 186 -1.57 -18.50 -12.58
C SER A 186 -1.72 -17.13 -13.20
N ALA A 187 -2.40 -17.03 -14.37
CA ALA A 187 -2.64 -15.74 -15.01
C ALA A 187 -3.54 -14.94 -14.05
N TYR A 188 -3.14 -13.69 -13.74
CA TYR A 188 -3.93 -12.88 -12.82
C TYR A 188 -4.02 -11.42 -13.26
N ASP A 189 -4.97 -10.68 -12.66
CA ASP A 189 -5.15 -9.28 -12.99
C ASP A 189 -5.48 -8.48 -11.71
N SER A 190 -6.25 -7.37 -11.84
CA SER A 190 -6.65 -6.48 -10.75
C SER A 190 -7.39 -7.17 -9.60
N LYS A 191 -8.02 -8.34 -9.89
CA LYS A 191 -8.74 -9.11 -8.90
C LYS A 191 -7.82 -9.60 -7.78
N ALA A 192 -6.50 -9.77 -8.06
CA ALA A 192 -5.52 -10.12 -7.02
C ALA A 192 -5.46 -9.06 -5.91
N ASP A 193 -5.58 -7.76 -6.28
CA ASP A 193 -5.58 -6.66 -5.31
C ASP A 193 -6.87 -6.69 -4.46
N ILE A 194 -7.98 -7.19 -5.04
CA ILE A 194 -9.26 -7.28 -4.31
C ILE A 194 -9.15 -8.35 -3.21
N TRP A 195 -8.45 -9.48 -3.50
CA TRP A 195 -8.18 -10.48 -2.48
C TRP A 195 -7.31 -9.83 -1.38
N SER A 196 -6.22 -9.11 -1.75
CA SER A 196 -5.33 -8.50 -0.74
C SER A 196 -6.10 -7.49 0.14
N LEU A 197 -7.07 -6.80 -0.45
CA LEU A 197 -7.97 -5.88 0.25
C LEU A 197 -8.79 -6.60 1.32
N GLY A 198 -9.29 -7.80 1.00
CA GLY A 198 -10.04 -8.62 1.95
C GLY A 198 -9.18 -8.97 3.16
N ILE A 199 -7.92 -9.36 2.90
CA ILE A 199 -6.97 -9.66 3.96
C ILE A 199 -6.71 -8.40 4.83
N THR A 200 -6.55 -7.25 4.16
CA THR A 200 -6.33 -5.94 4.81
C THR A 200 -7.54 -5.59 5.71
N ALA A 201 -8.76 -5.89 5.24
CA ALA A 201 -9.98 -5.64 6.02
C ALA A 201 -9.93 -6.46 7.33
N ILE A 202 -9.46 -7.75 7.26
CA ILE A 202 -9.32 -8.57 8.46
C ILE A 202 -8.29 -7.96 9.43
N GLU A 203 -7.17 -7.50 8.85
CA GLU A 203 -6.05 -6.87 9.55
C GLU A 203 -6.53 -5.59 10.27
N LEU A 204 -7.37 -4.77 9.58
CA LEU A 204 -7.88 -3.53 10.21
C LEU A 204 -8.85 -3.84 11.36
N ALA A 205 -9.60 -4.95 11.24
CA ALA A 205 -10.57 -5.34 12.25
C ALA A 205 -9.94 -6.06 13.45
N ARG A 206 -8.98 -6.95 13.19
CA ARG A 206 -8.36 -7.81 14.19
C ARG A 206 -6.98 -7.40 14.64
N GLY A 207 -6.30 -6.61 13.83
CA GLY A 207 -4.97 -6.13 14.18
C GLY A 207 -3.88 -6.85 13.44
N GLU A 208 -4.18 -8.05 12.89
CA GLU A 208 -3.22 -8.88 12.16
C GLU A 208 -3.95 -9.65 11.02
N PRO A 209 -3.25 -10.04 9.94
CA PRO A 209 -3.91 -10.86 8.90
C PRO A 209 -4.05 -12.32 9.39
N PRO A 210 -4.81 -13.16 8.68
CA PRO A 210 -4.85 -14.59 9.06
C PRO A 210 -3.47 -15.25 8.89
N HIS A 211 -3.19 -16.28 9.71
CA HIS A 211 -1.94 -17.06 9.71
C HIS A 211 -0.71 -16.23 10.17
N SER A 212 -0.93 -15.06 10.82
CA SER A 212 0.14 -14.14 11.26
C SER A 212 1.19 -14.77 12.20
N GLU A 213 0.78 -15.79 12.98
CA GLU A 213 1.62 -16.53 13.93
C GLU A 213 2.45 -17.67 13.26
N LEU A 214 2.26 -17.89 11.94
CA LEU A 214 2.94 -18.94 11.18
C LEU A 214 4.11 -18.45 10.33
N HIS A 215 5.00 -19.37 9.90
CA HIS A 215 6.12 -19.03 9.05
C HIS A 215 5.57 -18.73 7.64
N PRO A 216 6.02 -17.64 6.97
CA PRO A 216 5.50 -17.33 5.63
C PRO A 216 5.56 -18.46 4.60
N MET A 217 6.44 -19.48 4.79
CA MET A 217 6.53 -20.62 3.88
C MET A 217 5.30 -21.53 4.04
N LYS A 218 4.79 -21.70 5.28
CA LYS A 218 3.58 -22.48 5.59
C LYS A 218 2.37 -21.90 4.83
N VAL A 219 2.22 -20.55 4.81
CA VAL A 219 1.11 -19.91 4.12
C VAL A 219 1.13 -20.11 2.60
N LEU A 220 2.33 -20.41 2.01
CA LEU A 220 2.50 -20.69 0.57
C LEU A 220 1.76 -21.96 0.13
N PHE A 221 1.54 -22.90 1.05
CA PHE A 221 0.74 -24.07 0.77
C PHE A 221 -0.69 -23.90 1.32
N LEU A 222 -0.83 -23.24 2.50
CA LEU A 222 -2.14 -23.03 3.15
C LEU A 222 -3.11 -22.18 2.36
N ILE A 223 -2.66 -21.03 1.82
CA ILE A 223 -3.55 -20.14 1.06
C ILE A 223 -4.23 -20.85 -0.14
N PRO A 224 -3.49 -21.58 -1.03
CA PRO A 224 -4.18 -22.30 -2.11
C PRO A 224 -4.98 -23.53 -1.65
N LYS A 225 -4.54 -24.19 -0.55
CA LYS A 225 -5.16 -25.39 0.01
C LYS A 225 -6.47 -25.12 0.71
N ASN A 226 -6.42 -24.28 1.76
CA ASN A 226 -7.56 -23.96 2.64
C ASN A 226 -8.68 -23.20 1.96
N ASN A 227 -9.86 -23.26 2.59
CA ASN A 227 -11.00 -22.45 2.16
C ASN A 227 -10.55 -21.02 2.49
N PRO A 228 -11.08 -20.01 1.79
CA PRO A 228 -10.62 -18.64 2.09
C PRO A 228 -10.87 -18.23 3.54
N PRO A 229 -10.04 -17.33 4.11
CA PRO A 229 -10.28 -16.89 5.49
C PRO A 229 -11.62 -16.14 5.60
N THR A 230 -12.14 -16.09 6.83
CA THR A 230 -13.36 -15.33 7.18
C THR A 230 -13.00 -14.46 8.38
N LEU A 231 -13.80 -13.43 8.60
CA LEU A 231 -13.61 -12.57 9.76
C LEU A 231 -14.35 -13.16 10.95
N GLU A 232 -13.59 -13.62 11.96
CA GLU A 232 -14.12 -14.23 13.17
C GLU A 232 -14.10 -13.26 14.33
N GLY A 233 -15.22 -13.21 15.01
CA GLY A 233 -15.42 -12.32 16.14
C GLY A 233 -16.72 -11.58 16.08
N ASN A 234 -16.96 -10.71 17.06
CA ASN A 234 -18.17 -9.92 17.15
C ASN A 234 -18.11 -8.67 16.26
N TYR A 235 -18.20 -8.88 14.95
CA TYR A 235 -18.17 -7.82 13.94
C TYR A 235 -19.49 -7.85 13.20
N SER A 236 -19.85 -6.72 12.61
CA SER A 236 -21.14 -6.63 11.90
C SER A 236 -21.24 -7.58 10.70
N LYS A 237 -22.49 -8.01 10.41
CA LYS A 237 -22.73 -8.86 9.25
C LYS A 237 -22.23 -8.18 7.97
N PRO A 238 -22.50 -6.86 7.73
CA PRO A 238 -21.96 -6.20 6.53
C PRO A 238 -20.43 -6.26 6.44
N LEU A 239 -19.72 -6.12 7.60
CA LEU A 239 -18.26 -6.24 7.57
C LEU A 239 -17.83 -7.66 7.24
N LYS A 240 -18.43 -8.69 7.88
CA LYS A 240 -18.06 -10.07 7.54
C LYS A 240 -18.35 -10.37 6.07
N GLU A 241 -19.46 -9.81 5.54
CA GLU A 241 -19.82 -10.01 4.12
C GLU A 241 -18.88 -9.32 3.14
N PHE A 242 -18.40 -8.12 3.52
CA PHE A 242 -17.42 -7.38 2.73
C PHE A 242 -16.16 -8.25 2.57
N VAL A 243 -15.67 -8.79 3.70
CA VAL A 243 -14.52 -9.68 3.76
C VAL A 243 -14.75 -10.91 2.86
N GLU A 244 -15.91 -11.57 2.99
CA GLU A 244 -16.25 -12.76 2.19
C GLU A 244 -16.32 -12.45 0.71
N ALA A 245 -16.80 -11.25 0.33
CA ALA A 245 -16.91 -10.83 -1.06
C ALA A 245 -15.51 -10.75 -1.68
N CYS A 246 -14.52 -10.18 -0.96
CA CYS A 246 -13.13 -10.10 -1.41
C CYS A 246 -12.46 -11.45 -1.44
N LEU A 247 -12.71 -12.25 -0.40
CA LEU A 247 -12.01 -13.51 -0.20
C LEU A 247 -12.70 -14.73 -0.79
N ASN A 248 -12.81 -14.73 -2.12
CA ASN A 248 -13.33 -15.86 -2.87
C ASN A 248 -12.14 -16.42 -3.67
N LYS A 249 -12.00 -17.77 -3.71
CA LYS A 249 -10.89 -18.39 -4.47
C LYS A 249 -11.00 -18.14 -5.96
N GLU A 250 -12.22 -17.91 -6.45
CA GLU A 250 -12.48 -17.63 -7.85
C GLU A 250 -12.40 -16.11 -8.07
N PRO A 251 -11.36 -15.63 -8.81
CA PRO A 251 -11.20 -14.18 -9.00
C PRO A 251 -12.39 -13.49 -9.69
N SER A 252 -13.04 -14.16 -10.65
CA SER A 252 -14.17 -13.57 -11.36
C SER A 252 -15.36 -13.35 -10.38
N PHE A 253 -15.36 -14.04 -9.22
CA PHE A 253 -16.40 -13.93 -8.18
C PHE A 253 -16.15 -12.76 -7.24
N ARG A 254 -14.95 -12.16 -7.30
CA ARG A 254 -14.63 -11.00 -6.46
C ARG A 254 -15.18 -9.76 -7.14
N PRO A 255 -15.83 -8.84 -6.40
CA PRO A 255 -16.31 -7.62 -7.07
C PRO A 255 -15.10 -6.74 -7.45
N THR A 256 -15.34 -5.77 -8.35
CA THR A 256 -14.33 -4.76 -8.70
C THR A 256 -14.28 -3.71 -7.55
N ALA A 257 -13.22 -2.88 -7.55
CA ALA A 257 -13.11 -1.82 -6.53
C ALA A 257 -14.28 -0.85 -6.62
N LYS A 258 -14.67 -0.46 -7.87
CA LYS A 258 -15.79 0.42 -8.12
C LYS A 258 -17.08 -0.17 -7.51
N GLU A 259 -17.34 -1.48 -7.70
CA GLU A 259 -18.53 -2.12 -7.12
C GLU A 259 -18.47 -2.11 -5.57
N LEU A 260 -17.28 -2.37 -5.00
CA LEU A 260 -17.11 -2.39 -3.54
C LEU A 260 -17.34 -1.03 -2.87
N LEU A 261 -17.12 0.09 -3.61
CA LEU A 261 -17.40 1.44 -3.10
C LEU A 261 -18.89 1.62 -2.75
N LYS A 262 -19.78 0.79 -3.36
CA LYS A 262 -21.22 0.80 -3.10
C LYS A 262 -21.66 -0.34 -2.17
N HIS A 263 -20.69 -1.10 -1.59
CA HIS A 263 -21.04 -2.18 -0.65
C HIS A 263 -21.74 -1.56 0.58
N LYS A 264 -22.79 -2.23 1.07
CA LYS A 264 -23.53 -1.79 2.27
C LYS A 264 -22.60 -1.53 3.48
N PHE A 265 -21.51 -2.30 3.64
CA PHE A 265 -20.61 -2.03 4.77
C PHE A 265 -20.04 -0.61 4.65
N ILE A 266 -19.58 -0.23 3.44
CA ILE A 266 -19.01 1.10 3.18
C ILE A 266 -20.09 2.18 3.34
N LEU A 267 -21.20 2.06 2.57
CA LEU A 267 -22.26 3.05 2.61
C LEU A 267 -22.85 3.29 4.02
N ARG A 268 -23.05 2.24 4.82
CA ARG A 268 -23.63 2.39 6.15
C ARG A 268 -22.65 2.87 7.22
N ASN A 269 -21.34 2.66 7.01
CA ASN A 269 -20.38 3.01 8.06
C ASN A 269 -19.36 4.11 7.79
N ALA A 270 -18.94 4.31 6.53
CA ALA A 270 -17.92 5.32 6.21
C ALA A 270 -18.40 6.74 6.46
N LYS A 271 -17.46 7.57 6.95
CA LYS A 271 -17.68 8.97 7.25
C LYS A 271 -16.56 9.80 6.63
N LYS A 272 -16.58 11.13 6.81
CA LYS A 272 -15.57 12.03 6.27
C LYS A 272 -14.18 11.61 6.74
N THR A 273 -13.15 11.74 5.87
CA THR A 273 -11.77 11.36 6.23
C THR A 273 -11.23 12.24 7.34
N SER A 274 -11.76 13.49 7.45
CA SER A 274 -11.37 14.42 8.51
C SER A 274 -11.53 13.81 9.91
N TYR A 275 -12.52 12.88 10.12
CA TYR A 275 -12.66 12.21 11.42
C TYR A 275 -11.50 11.35 11.82
N LEU A 276 -10.69 10.90 10.81
CA LEU A 276 -9.52 10.08 11.08
C LEU A 276 -8.44 10.80 11.87
N THR A 277 -8.52 12.15 11.99
CA THR A 277 -7.54 12.89 12.83
C THR A 277 -7.62 12.42 14.29
N GLU A 278 -8.80 11.94 14.74
CA GLU A 278 -8.98 11.40 16.10
C GLU A 278 -8.07 10.18 16.30
N LEU A 279 -7.97 9.34 15.26
CA LEU A 279 -7.11 8.16 15.24
C LEU A 279 -5.62 8.57 15.24
N ILE A 280 -5.26 9.57 14.43
CA ILE A 280 -3.90 10.11 14.34
C ILE A 280 -3.47 10.67 15.72
N ASP A 281 -4.33 11.52 16.35
CA ASP A 281 -4.07 12.09 17.67
C ASP A 281 -3.95 10.99 18.74
N ARG A 282 -4.80 9.94 18.67
CA ARG A 282 -4.75 8.82 19.59
C ARG A 282 -3.36 8.17 19.54
N TYR A 283 -2.82 7.97 18.32
CA TYR A 283 -1.51 7.36 18.11
C TYR A 283 -0.38 8.25 18.62
N LYS A 284 -0.48 9.58 18.38
CA LYS A 284 0.52 10.54 18.82
C LYS A 284 0.62 10.53 20.33
N ARG A 285 -0.50 10.59 21.02
CA ARG A 285 -0.52 10.55 22.46
C ARG A 285 0.03 9.27 22.99
N TRP A 286 -0.41 8.15 22.44
CA TRP A 286 0.06 6.83 22.86
C TRP A 286 1.56 6.71 22.72
N LYS A 287 2.06 7.14 21.59
CA LYS A 287 3.48 7.09 21.30
C LYS A 287 4.25 7.85 22.36
N ALA A 288 3.72 8.99 22.77
CA ALA A 288 4.37 9.84 23.75
C ALA A 288 4.44 9.25 25.14
N GLU A 289 3.66 8.22 25.41
CA GLU A 289 3.72 7.61 26.72
C GLU A 289 4.38 6.26 26.70
N GLN A 290 4.96 5.87 25.59
CA GLN A 290 5.54 4.55 25.55
C GLN A 290 6.79 4.46 26.44
MN MN B . 7.05 -2.78 2.27
N3 3FE C . 5.53 9.30 4.44
C4 3FE C . 7.47 4.82 0.88
N2 3FE C . 5.99 7.52 6.05
C7 3FE C . 6.30 6.45 2.32
C6 3FE C . 5.83 4.00 2.53
C9 3FE C . 5.83 8.39 3.45
C13 3FE C . 8.20 4.96 4.87
C8 3FE C . 6.00 7.48 1.42
N5 3FE C . 9.23 3.15 -1.49
C16 3FE C . 6.69 5.05 6.88
C1 3FE C . 6.09 2.67 2.16
C2 3FE C . 7.02 2.40 1.15
C3 3FE C . 7.68 3.47 0.50
C5 3FE C . 6.53 5.08 1.91
N1 3FE C . 5.72 8.64 2.11
C10 3FE C . 6.21 7.02 3.64
C11 3FE C . 6.31 6.63 5.03
C12 3FE C . 5.62 8.78 5.71
N4 3FE C . 6.84 5.34 5.39
C14 3FE C . 8.30 3.41 5.08
O1 3FE C . 8.14 3.14 6.47
C15 3FE C . 6.92 3.53 7.06
C17 3FE C . 8.53 3.24 -0.59
#